data_4JDK
#
_entry.id   4JDK
#
_cell.length_a   61.621
_cell.length_b   61.621
_cell.length_c   180.757
_cell.angle_alpha   90.00
_cell.angle_beta   90.00
_cell.angle_gamma   90.00
#
_symmetry.space_group_name_H-M   'P 41 21 2'
#
loop_
_entity.id
_entity.type
_entity.pdbx_description
1 polymer 'Serine/threonine-protein kinase PAK 4'
2 polymer 'Paktide S'
3 water water
#
loop_
_entity_poly.entity_id
_entity_poly.type
_entity_poly.pdbx_seq_one_letter_code
_entity_poly.pdbx_strand_id
1 'polypeptide(L)'
;MGSSHHHHHHSSGLVPRGSHMENLYFQGARARQENGMPEKPPGPRSPQREPQRVSHEQFRAALQLVVDPGDPRSYLDNFI
KIGEGSTGIVCIATVRSSGKLVAVKKMDLRKQQRRELLFNEVVIMRDYQHENVVEMYNSYLVGDELWVVMEFLEGGALTD
IVTHTRMNEEQIAAVCLAVLQALSVLHAQGVIHRDIKSDSILLTHDGRVKLSDFGVCAQVSKEVPRRK(SEP)LVGTPYW
MAPELISRLPYGPEVDIWSLGIMVIEMVDGEPPYFNEPPLKAMKMIRDNLPPRLKNLHKVSPSLKGFLDRLLVRDPAQRA
(TPO)AAELLKHPFLAKAGPPASIVPLMRQNRTR
;
A
2 'polypeptide(L)' RRRRSWY B
#
# COMPACT_ATOMS: atom_id res chain seq x y z
N SER A 55 -14.23 13.90 -23.81
CA SER A 55 -14.35 12.97 -22.63
CA SER A 55 -14.40 13.13 -22.54
C SER A 55 -13.10 12.94 -21.74
N HIS A 56 -11.97 12.89 -22.42
CA HIS A 56 -10.75 13.01 -21.70
C HIS A 56 -10.66 14.47 -21.30
N GLU A 57 -10.91 15.37 -22.27
CA GLU A 57 -10.95 16.80 -22.00
C GLU A 57 -11.95 17.09 -20.89
N GLN A 58 -13.07 16.39 -20.90
CA GLN A 58 -14.08 16.56 -19.89
C GLN A 58 -13.50 16.25 -18.54
N PHE A 59 -12.75 15.16 -18.46
CA PHE A 59 -12.15 14.76 -17.21
C PHE A 59 -11.02 15.68 -16.76
N ARG A 60 -10.26 16.25 -17.70
CA ARG A 60 -9.24 17.26 -17.34
C ARG A 60 -9.84 18.43 -16.59
N ALA A 61 -10.95 18.92 -17.14
CA ALA A 61 -11.67 20.06 -16.65
C ALA A 61 -12.15 19.79 -15.19
N ALA A 62 -12.61 18.58 -14.92
CA ALA A 62 -13.03 18.17 -13.59
C ALA A 62 -11.88 18.18 -12.55
N LEU A 63 -10.75 17.57 -12.90
CA LEU A 63 -9.60 17.59 -12.02
C LEU A 63 -9.13 19.02 -11.79
N GLN A 64 -9.19 19.87 -12.81
CA GLN A 64 -8.72 21.23 -12.64
C GLN A 64 -9.46 21.93 -11.52
N LEU A 65 -10.70 21.53 -11.30
CA LEU A 65 -11.51 22.25 -10.32
C LEU A 65 -11.14 21.90 -8.90
N VAL A 66 -10.37 20.83 -8.77
CA VAL A 66 -10.15 20.14 -7.54
C VAL A 66 -8.65 20.19 -7.10
N VAL A 67 -7.76 20.47 -8.06
CA VAL A 67 -6.28 20.39 -7.83
C VAL A 67 -5.79 21.79 -7.50
N ASP A 68 -4.57 21.98 -7.03
CA ASP A 68 -4.09 23.32 -6.76
C ASP A 68 -3.80 24.01 -8.08
N PRO A 69 -3.86 25.36 -8.12
CA PRO A 69 -3.52 26.05 -9.36
C PRO A 69 -2.05 26.03 -9.62
N GLY A 70 -1.68 26.13 -10.90
CA GLY A 70 -0.29 26.32 -11.36
C GLY A 70 0.46 25.03 -11.68
N ASP A 71 1.78 25.15 -11.83
CA ASP A 71 2.63 24.13 -12.36
C ASP A 71 3.81 24.02 -11.41
N PRO A 72 4.07 22.81 -10.85
CA PRO A 72 5.15 22.79 -9.83
C PRO A 72 6.56 22.81 -10.45
N ARG A 73 6.62 22.66 -11.77
CA ARG A 73 7.88 22.79 -12.51
C ARG A 73 8.44 24.16 -12.26
N SER A 74 7.59 25.06 -11.79
CA SER A 74 8.07 26.41 -11.54
C SER A 74 8.88 26.57 -10.23
N TYR A 75 8.89 25.56 -9.37
CA TYR A 75 9.66 25.61 -8.10
C TYR A 75 10.44 24.33 -7.89
N LEU A 76 10.26 23.34 -8.77
CA LEU A 76 11.09 22.10 -8.80
C LEU A 76 12.05 21.92 -9.99
N ASP A 77 13.28 21.47 -9.69
CA ASP A 77 14.37 21.10 -10.62
C ASP A 77 14.67 19.57 -10.56
N ASN A 78 15.31 19.06 -11.62
CA ASN A 78 15.99 17.75 -11.62
C ASN A 78 15.15 16.54 -11.36
N PHE A 79 14.07 16.42 -12.15
CA PHE A 79 13.18 15.29 -12.07
C PHE A 79 13.94 14.06 -12.47
N ILE A 80 13.89 13.03 -11.66
CA ILE A 80 14.56 11.79 -11.96
C ILE A 80 13.61 10.69 -11.57
N LYS A 81 13.34 9.82 -12.53
CA LYS A 81 12.38 8.78 -12.33
C LYS A 81 12.96 7.73 -11.43
N ILE A 82 12.20 7.30 -10.43
CA ILE A 82 12.71 6.23 -9.59
C ILE A 82 11.80 5.02 -9.53
N GLY A 83 10.64 5.08 -10.15
CA GLY A 83 9.70 3.98 -10.02
C GLY A 83 8.43 4.06 -10.82
N GLU A 84 7.71 2.94 -10.78
CA GLU A 84 6.41 2.79 -11.40
C GLU A 84 5.50 2.09 -10.42
N GLY A 85 4.22 2.42 -10.52
CA GLY A 85 3.17 1.59 -9.98
C GLY A 85 2.21 1.45 -11.15
N SER A 86 0.98 1.08 -10.84
CA SER A 86 -0.06 0.85 -11.86
C SER A 86 -0.73 2.14 -12.31
N THR A 87 -0.78 3.15 -11.44
CA THR A 87 -1.42 4.41 -11.81
C THR A 87 -0.51 5.38 -12.63
N GLY A 88 0.81 5.26 -12.46
CA GLY A 88 1.76 6.03 -13.25
C GLY A 88 3.19 5.93 -12.71
N ILE A 89 3.95 7.00 -12.85
CA ILE A 89 5.35 7.00 -12.41
C ILE A 89 5.63 7.88 -11.19
N VAL A 90 6.76 7.59 -10.54
CA VAL A 90 7.25 8.34 -9.41
C VAL A 90 8.67 8.91 -9.68
N CYS A 91 8.82 10.20 -9.44
CA CYS A 91 10.04 10.94 -9.63
C CYS A 91 10.48 11.58 -8.34
N ILE A 92 11.79 11.74 -8.21
CA ILE A 92 12.34 12.65 -7.23
C ILE A 92 12.53 13.98 -7.92
N ALA A 93 12.36 15.06 -7.17
CA ALA A 93 12.67 16.39 -7.67
C ALA A 93 13.25 17.19 -6.52
N THR A 94 13.86 18.32 -6.86
CA THR A 94 14.63 19.11 -5.94
C THR A 94 13.90 20.40 -5.79
N VAL A 95 13.60 20.80 -4.54
CA VAL A 95 12.96 22.13 -4.37
C VAL A 95 13.98 23.20 -4.66
N ARG A 96 13.75 23.97 -5.72
CA ARG A 96 14.79 24.95 -6.11
C ARG A 96 15.29 25.76 -4.92
N SER A 97 14.41 26.35 -4.14
CA SER A 97 14.84 27.31 -3.12
C SER A 97 15.44 26.70 -1.84
N SER A 98 15.03 25.52 -1.44
CA SER A 98 15.55 24.92 -0.23
C SER A 98 16.72 23.96 -0.48
N GLY A 99 16.79 23.40 -1.69
CA GLY A 99 17.66 22.23 -1.91
C GLY A 99 17.08 20.89 -1.40
N LYS A 100 15.89 20.89 -0.80
CA LYS A 100 15.21 19.65 -0.32
C LYS A 100 14.65 18.75 -1.42
N LEU A 101 14.54 17.46 -1.10
CA LEU A 101 14.00 16.50 -2.06
C LEU A 101 12.55 16.19 -1.76
N VAL A 102 11.70 16.23 -2.78
CA VAL A 102 10.33 15.77 -2.66
C VAL A 102 10.10 14.68 -3.71
N ALA A 103 8.99 13.94 -3.57
CA ALA A 103 8.62 12.93 -4.53
C ALA A 103 7.40 13.46 -5.32
N VAL A 104 7.26 13.01 -6.57
CA VAL A 104 6.24 13.49 -7.49
C VAL A 104 5.62 12.29 -8.20
N LYS A 105 4.34 12.06 -7.96
CA LYS A 105 3.64 10.99 -8.63
C LYS A 105 3.00 11.63 -9.85
N LYS A 106 3.37 11.16 -11.05
CA LYS A 106 2.73 11.56 -12.32
C LYS A 106 1.82 10.46 -12.86
N MET A 107 0.58 10.82 -13.16
CA MET A 107 -0.38 9.85 -13.64
C MET A 107 -1.05 10.42 -14.84
N ASP A 108 -0.84 9.77 -15.99
CA ASP A 108 -1.49 10.14 -17.24
C ASP A 108 -2.95 9.77 -17.16
N LEU A 109 -3.80 10.77 -17.32
CA LEU A 109 -5.23 10.53 -17.38
C LEU A 109 -5.69 9.49 -18.43
N ARG A 110 -5.00 9.43 -19.57
CA ARG A 110 -5.41 8.63 -20.73
C ARG A 110 -5.10 7.16 -20.55
N LYS A 111 -4.30 6.87 -19.53
CA LYS A 111 -3.79 5.55 -19.27
C LYS A 111 -4.44 4.86 -18.08
N GLN A 112 -5.48 5.42 -17.47
CA GLN A 112 -6.11 4.69 -16.35
C GLN A 112 -7.27 3.83 -16.85
N GLN A 113 -7.30 2.58 -16.37
CA GLN A 113 -8.49 1.72 -16.43
C GLN A 113 -9.76 2.44 -15.96
N ARG A 114 -9.75 2.88 -14.69
CA ARG A 114 -10.84 3.68 -14.12
C ARG A 114 -10.38 5.09 -13.77
N ARG A 115 -10.56 6.09 -14.66
CA ARG A 115 -9.98 7.43 -14.38
C ARG A 115 -10.50 8.06 -13.10
N GLU A 116 -11.67 7.63 -12.66
CA GLU A 116 -12.31 8.28 -11.56
C GLU A 116 -11.64 7.95 -10.24
N LEU A 117 -10.89 6.85 -10.20
CA LEU A 117 -10.09 6.52 -9.00
C LEU A 117 -9.02 7.58 -8.69
N LEU A 118 -8.65 8.37 -9.70
CA LEU A 118 -7.67 9.44 -9.51
C LEU A 118 -8.10 10.42 -8.46
N PHE A 119 -9.41 10.64 -8.32
CA PHE A 119 -9.95 11.39 -7.17
C PHE A 119 -9.55 10.84 -5.79
N ASN A 120 -9.29 9.53 -5.66
CA ASN A 120 -8.83 8.93 -4.38
C ASN A 120 -7.61 9.63 -3.82
N GLU A 121 -6.73 10.05 -4.71
CA GLU A 121 -5.52 10.73 -4.32
C GLU A 121 -5.90 12.07 -3.66
N VAL A 122 -6.91 12.75 -4.19
CA VAL A 122 -7.30 14.06 -3.64
C VAL A 122 -8.01 13.94 -2.26
N VAL A 123 -9.05 13.13 -2.18
CA VAL A 123 -9.66 12.71 -0.91
C VAL A 123 -8.64 12.46 0.25
N ILE A 124 -7.62 11.63 0.01
CA ILE A 124 -6.67 11.30 1.04
C ILE A 124 -5.80 12.48 1.49
N MET A 125 -5.12 13.14 0.56
CA MET A 125 -4.47 14.42 0.83
C MET A 125 -5.31 15.35 1.69
N ARG A 126 -6.50 15.63 1.20
CA ARG A 126 -7.40 16.55 1.90
C ARG A 126 -7.79 16.09 3.30
N ASP A 127 -7.93 14.78 3.52
CA ASP A 127 -8.74 14.33 4.64
C ASP A 127 -8.18 13.31 5.64
N TYR A 128 -7.02 12.71 5.36
CA TYR A 128 -6.45 11.67 6.24
C TYR A 128 -4.94 11.74 6.15
N GLN A 129 -4.32 12.34 7.15
CA GLN A 129 -2.87 12.47 7.19
C GLN A 129 -2.42 11.99 8.58
N HIS A 130 -1.28 11.30 8.67
CA HIS A 130 -0.98 10.46 9.85
C HIS A 130 0.44 9.94 9.83
N GLU A 131 1.05 9.79 11.00
CA GLU A 131 2.48 9.42 11.13
C GLU A 131 2.95 8.22 10.26
N ASN A 132 2.06 7.25 10.04
CA ASN A 132 2.37 6.08 9.22
C ASN A 132 1.68 6.09 7.85
N VAL A 133 1.39 7.28 7.35
CA VAL A 133 0.89 7.44 5.99
C VAL A 133 1.73 8.52 5.32
N VAL A 134 2.13 8.25 4.08
CA VAL A 134 2.92 9.20 3.32
C VAL A 134 2.13 10.49 3.16
N GLU A 135 2.72 11.62 3.56
CA GLU A 135 2.02 12.89 3.34
C GLU A 135 2.11 13.40 1.93
N MET A 136 0.95 13.78 1.43
CA MET A 136 0.82 14.43 0.16
C MET A 136 0.79 15.95 0.41
N TYR A 137 1.60 16.73 -0.32
CA TYR A 137 1.56 18.20 -0.14
C TYR A 137 0.58 18.99 -1.03
N ASN A 138 0.56 18.72 -2.34
CA ASN A 138 -0.17 19.51 -3.30
C ASN A 138 -0.38 18.68 -4.56
N SER A 139 -1.41 19.06 -5.33
CA SER A 139 -1.71 18.36 -6.54
C SER A 139 -1.98 19.38 -7.64
N TYR A 140 -1.63 18.98 -8.87
CA TYR A 140 -1.73 19.83 -10.04
C TYR A 140 -2.12 19.02 -11.27
N LEU A 141 -2.74 19.71 -12.22
CA LEU A 141 -2.93 19.21 -13.57
C LEU A 141 -1.84 19.81 -14.43
N VAL A 142 -0.96 18.95 -14.95
CA VAL A 142 0.09 19.38 -15.86
C VAL A 142 -0.17 18.65 -17.16
N GLY A 143 -0.71 19.36 -18.15
CA GLY A 143 -1.08 18.78 -19.43
C GLY A 143 -2.16 17.71 -19.28
N ASP A 144 -1.83 16.50 -19.69
CA ASP A 144 -2.70 15.35 -19.60
C ASP A 144 -2.39 14.51 -18.39
N GLU A 145 -1.58 15.07 -17.50
CA GLU A 145 -1.16 14.34 -16.29
C GLU A 145 -1.64 14.98 -15.00
N LEU A 146 -1.95 14.15 -14.02
CA LEU A 146 -2.12 14.61 -12.65
C LEU A 146 -0.80 14.43 -11.92
N TRP A 147 -0.34 15.47 -11.20
CA TRP A 147 0.88 15.41 -10.41
C TRP A 147 0.58 15.62 -8.99
N VAL A 148 1.01 14.65 -8.20
CA VAL A 148 1.03 14.82 -6.77
C VAL A 148 2.47 14.97 -6.23
N VAL A 149 2.74 16.16 -5.73
CA VAL A 149 3.91 16.43 -4.95
C VAL A 149 3.73 15.93 -3.51
N MET A 150 4.57 15.01 -3.09
CA MET A 150 4.39 14.40 -1.78
C MET A 150 5.73 14.18 -1.10
N GLU A 151 5.67 13.70 0.13
CA GLU A 151 6.82 13.34 0.92
C GLU A 151 7.68 12.29 0.20
N PHE A 152 8.98 12.49 0.22
CA PHE A 152 9.95 11.51 -0.35
C PHE A 152 10.47 10.55 0.74
N LEU A 153 10.09 9.27 0.63
CA LEU A 153 10.55 8.15 1.46
C LEU A 153 11.85 7.56 0.88
N GLU A 154 12.97 8.13 1.35
CA GLU A 154 14.25 7.96 0.66
C GLU A 154 14.79 6.54 0.87
N GLY A 155 14.20 5.84 1.83
CA GLY A 155 14.57 4.45 2.12
C GLY A 155 13.93 3.42 1.21
N GLY A 156 13.05 3.86 0.31
CA GLY A 156 12.45 2.97 -0.67
C GLY A 156 11.36 2.07 -0.13
N ALA A 157 11.04 1.05 -0.91
CA ALA A 157 9.92 0.14 -0.67
C ALA A 157 10.33 -1.07 0.13
N LEU A 158 9.39 -1.65 0.86
CA LEU A 158 9.65 -2.91 1.54
C LEU A 158 10.00 -4.00 0.55
N THR A 159 9.52 -3.90 -0.68
CA THR A 159 9.80 -4.95 -1.66
C THR A 159 11.32 -5.27 -1.83
N ASP A 160 12.13 -4.21 -1.90
CA ASP A 160 13.55 -4.37 -2.10
C ASP A 160 14.23 -5.13 -0.95
N ILE A 161 13.67 -5.04 0.25
CA ILE A 161 14.20 -5.72 1.42
C ILE A 161 13.86 -7.23 1.42
N VAL A 162 12.56 -7.45 1.28
CA VAL A 162 11.95 -8.74 1.26
C VAL A 162 12.54 -9.59 0.15
N THR A 163 12.99 -8.98 -0.93
CA THR A 163 13.54 -9.81 -2.02
C THR A 163 15.09 -9.95 -1.99
N HIS A 164 15.77 -9.36 -1.01
CA HIS A 164 17.24 -9.40 -0.95
C HIS A 164 17.82 -9.73 0.39
N THR A 165 17.08 -9.61 1.48
CA THR A 165 17.57 -10.12 2.81
C THR A 165 16.47 -10.85 3.56
N ARG A 166 16.84 -11.38 4.71
CA ARG A 166 15.91 -12.00 5.63
C ARG A 166 15.64 -11.01 6.76
N MET A 167 14.42 -11.00 7.24
CA MET A 167 14.02 -10.13 8.30
C MET A 167 13.90 -10.97 9.54
N ASN A 168 14.45 -10.53 10.66
CA ASN A 168 14.05 -11.15 11.94
C ASN A 168 12.69 -10.65 12.43
N GLU A 169 12.24 -11.21 13.54
CA GLU A 169 10.88 -11.06 13.98
C GLU A 169 10.61 -9.75 14.70
N GLU A 170 11.67 -9.16 15.21
CA GLU A 170 11.72 -7.80 15.72
C GLU A 170 11.34 -6.81 14.58
N GLN A 171 12.01 -6.95 13.41
CA GLN A 171 11.82 -6.13 12.21
C GLN A 171 10.42 -6.34 11.58
N ILE A 172 10.01 -7.62 11.43
CA ILE A 172 8.70 -7.99 10.96
C ILE A 172 7.61 -7.36 11.82
N ALA A 173 7.78 -7.52 13.14
CA ALA A 173 6.80 -7.02 14.10
C ALA A 173 6.76 -5.48 14.11
N ALA A 174 7.90 -4.83 13.88
CA ALA A 174 7.92 -3.37 13.79
C ALA A 174 7.16 -2.94 12.55
N VAL A 175 7.29 -3.68 11.45
CA VAL A 175 6.58 -3.35 10.21
C VAL A 175 5.07 -3.48 10.39
N CYS A 176 4.64 -4.65 10.83
CA CYS A 176 3.24 -4.88 11.17
C CYS A 176 2.67 -3.82 12.13
N LEU A 177 3.42 -3.47 13.19
CA LEU A 177 2.89 -2.51 14.17
C LEU A 177 2.58 -1.18 13.46
N ALA A 178 3.55 -0.70 12.71
CA ALA A 178 3.44 0.53 11.94
C ALA A 178 2.25 0.44 10.93
N VAL A 179 2.09 -0.72 10.29
CA VAL A 179 1.02 -0.82 9.29
C VAL A 179 -0.34 -0.86 9.95
N LEU A 180 -0.45 -1.67 11.01
CA LEU A 180 -1.68 -1.70 11.77
C LEU A 180 -2.07 -0.34 12.38
N GLN A 181 -1.10 0.46 12.80
CA GLN A 181 -1.51 1.77 13.37
C GLN A 181 -2.20 2.61 12.31
N ALA A 182 -1.61 2.63 11.12
CA ALA A 182 -2.18 3.24 9.96
C ALA A 182 -3.59 2.69 9.70
N LEU A 183 -3.74 1.37 9.60
CA LEU A 183 -5.03 0.76 9.25
C LEU A 183 -6.09 0.94 10.29
N SER A 184 -5.73 0.83 11.56
CA SER A 184 -6.81 0.97 12.57
C SER A 184 -7.43 2.35 12.50
N VAL A 185 -6.64 3.38 12.23
CA VAL A 185 -7.18 4.72 12.06
C VAL A 185 -7.98 4.84 10.74
N LEU A 186 -7.39 4.40 9.63
CA LEU A 186 -8.10 4.46 8.34
C LEU A 186 -9.44 3.71 8.40
N HIS A 187 -9.40 2.42 8.76
CA HIS A 187 -10.59 1.63 8.97
C HIS A 187 -11.60 2.31 9.87
N ALA A 188 -11.13 2.91 10.97
CA ALA A 188 -12.06 3.62 11.89
C ALA A 188 -12.87 4.70 11.17
N GLN A 189 -12.29 5.30 10.12
CA GLN A 189 -13.03 6.27 9.33
C GLN A 189 -13.57 5.77 8.00
N GLY A 190 -13.80 4.47 7.87
CA GLY A 190 -14.35 3.92 6.64
C GLY A 190 -13.43 3.92 5.42
N VAL A 191 -12.11 3.95 5.60
CA VAL A 191 -11.26 3.93 4.44
C VAL A 191 -10.60 2.54 4.32
N ILE A 192 -10.68 1.94 3.14
CA ILE A 192 -10.06 0.63 2.89
C ILE A 192 -9.03 0.87 1.83
N HIS A 193 -7.78 0.46 2.07
CA HIS A 193 -6.67 0.74 1.14
C HIS A 193 -6.75 -0.10 -0.14
N ARG A 194 -7.02 -1.42 0.03
CA ARG A 194 -7.24 -2.40 -1.04
C ARG A 194 -6.03 -2.77 -1.88
N ASP A 195 -4.85 -2.33 -1.48
CA ASP A 195 -3.65 -2.77 -2.20
C ASP A 195 -2.47 -2.89 -1.27
N ILE A 196 -2.73 -3.38 -0.06
CA ILE A 196 -1.66 -3.73 0.87
C ILE A 196 -0.75 -4.82 0.31
N LYS A 197 0.53 -4.48 0.19
CA LYS A 197 1.62 -5.39 -0.18
C LYS A 197 2.95 -4.64 0.03
N SER A 198 4.07 -5.37 0.01
CA SER A 198 5.39 -4.76 0.31
C SER A 198 5.71 -3.54 -0.55
N ASP A 199 5.16 -3.47 -1.77
CA ASP A 199 5.42 -2.37 -2.72
C ASP A 199 4.77 -1.10 -2.25
N SER A 200 3.71 -1.27 -1.44
CA SER A 200 3.00 -0.12 -0.92
C SER A 200 3.54 0.32 0.40
N ILE A 201 4.56 -0.34 0.93
CA ILE A 201 5.14 0.09 2.22
C ILE A 201 6.48 0.78 1.97
N LEU A 202 6.59 2.05 2.35
CA LEU A 202 7.79 2.84 2.12
C LEU A 202 8.49 3.21 3.42
N LEU A 203 9.80 3.46 3.33
CA LEU A 203 10.67 3.70 4.46
C LEU A 203 11.45 5.04 4.39
N THR A 204 11.56 5.75 5.54
CA THR A 204 12.49 6.86 5.71
C THR A 204 13.93 6.33 5.82
N HIS A 205 14.93 7.20 5.62
CA HIS A 205 16.32 6.73 5.91
C HIS A 205 16.50 6.13 7.30
N ASP A 206 15.72 6.59 8.27
CA ASP A 206 15.94 6.11 9.64
C ASP A 206 14.90 5.07 10.06
N GLY A 207 14.25 4.44 9.06
CA GLY A 207 13.53 3.19 9.29
C GLY A 207 12.10 3.31 9.75
N ARG A 208 11.57 4.54 9.69
CA ARG A 208 10.14 4.71 9.87
C ARG A 208 9.38 4.19 8.63
N VAL A 209 8.18 3.68 8.88
CA VAL A 209 7.45 2.84 7.95
C VAL A 209 6.11 3.49 7.67
N LYS A 210 5.84 3.75 6.39
CA LYS A 210 4.68 4.49 6.00
C LYS A 210 3.98 3.80 4.86
N LEU A 211 2.66 3.81 4.94
CA LEU A 211 1.75 3.29 3.96
C LEU A 211 1.55 4.31 2.84
N SER A 212 1.46 3.77 1.63
CA SER A 212 1.59 4.55 0.42
C SER A 212 0.57 4.06 -0.61
N ASP A 213 0.53 4.78 -1.75
CA ASP A 213 -0.24 4.37 -2.95
CA ASP A 213 -0.26 4.45 -2.95
C ASP A 213 -1.74 4.12 -2.67
N PHE A 214 -2.49 5.20 -2.47
CA PHE A 214 -3.89 5.08 -2.15
C PHE A 214 -4.82 5.08 -3.38
N GLY A 215 -4.22 5.03 -4.56
CA GLY A 215 -5.00 5.28 -5.78
C GLY A 215 -6.15 4.35 -6.05
N VAL A 216 -6.22 3.23 -5.34
CA VAL A 216 -7.32 2.30 -5.58
CA VAL A 216 -7.23 2.21 -5.54
C VAL A 216 -8.17 2.01 -4.32
N CYS A 217 -8.03 2.87 -3.31
CA CYS A 217 -8.80 2.78 -2.06
C CYS A 217 -10.29 3.15 -2.26
N ALA A 218 -11.10 2.89 -1.25
CA ALA A 218 -12.53 3.20 -1.32
C ALA A 218 -12.98 3.52 0.10
N GLN A 219 -14.17 4.10 0.23
CA GLN A 219 -14.76 4.38 1.53
C GLN A 219 -16.04 3.61 1.71
N VAL A 220 -16.20 3.00 2.89
CA VAL A 220 -17.52 2.52 3.37
C VAL A 220 -18.08 3.37 4.54
N SER A 221 -19.35 3.16 4.85
CA SER A 221 -20.03 3.96 5.83
C SER A 221 -21.37 3.33 5.92
N LYS A 222 -22.19 3.83 6.83
CA LYS A 222 -23.52 3.32 7.11
C LYS A 222 -24.37 3.21 5.83
N GLU A 223 -24.27 4.23 4.96
CA GLU A 223 -25.03 4.22 3.70
CA GLU A 223 -25.04 4.20 3.71
C GLU A 223 -24.43 3.28 2.65
N VAL A 224 -23.15 2.96 2.77
CA VAL A 224 -22.47 2.12 1.80
C VAL A 224 -21.67 1.16 2.67
N PRO A 225 -22.33 0.15 3.30
CA PRO A 225 -21.53 -0.62 4.27
C PRO A 225 -20.38 -1.44 3.63
N ARG A 226 -20.45 -1.67 2.31
CA ARG A 226 -19.56 -2.61 1.63
C ARG A 226 -19.15 -2.13 0.26
N ARG A 227 -17.96 -2.52 -0.15
CA ARG A 227 -17.48 -2.33 -1.50
C ARG A 227 -17.68 -3.64 -2.29
N LYS A 228 -17.67 -3.52 -3.62
CA LYS A 228 -17.80 -4.71 -4.48
C LYS A 228 -16.74 -4.84 -5.58
N LEU A 230 -13.61 -5.36 -8.04
CA LEU A 230 -12.43 -6.24 -8.15
C LEU A 230 -11.20 -5.37 -8.23
N VAL A 231 -10.49 -5.23 -7.11
CA VAL A 231 -9.36 -4.31 -7.05
C VAL A 231 -8.20 -4.91 -6.24
N GLY A 232 -6.97 -4.49 -6.52
CA GLY A 232 -5.80 -5.05 -5.86
C GLY A 232 -4.76 -5.73 -6.73
N THR A 233 -3.86 -6.49 -6.12
CA THR A 233 -2.88 -7.27 -6.86
C THR A 233 -3.14 -8.75 -6.58
N PRO A 234 -3.23 -9.55 -7.63
CA PRO A 234 -3.82 -10.90 -7.48
C PRO A 234 -3.39 -11.75 -6.28
N TYR A 235 -2.08 -11.94 -6.14
CA TYR A 235 -1.50 -12.79 -5.08
C TYR A 235 -1.88 -12.31 -3.66
N TRP A 236 -2.15 -11.01 -3.54
CA TRP A 236 -2.53 -10.43 -2.27
C TRP A 236 -4.02 -10.29 -2.02
N MET A 237 -4.88 -10.54 -3.00
CA MET A 237 -6.34 -10.29 -2.83
C MET A 237 -7.04 -11.24 -1.84
N ALA A 238 -7.92 -10.71 -1.00
CA ALA A 238 -8.68 -11.59 -0.05
C ALA A 238 -9.61 -12.62 -0.75
N PRO A 239 -9.91 -13.78 -0.12
CA PRO A 239 -10.77 -14.78 -0.83
C PRO A 239 -12.16 -14.28 -1.19
N GLU A 240 -12.81 -13.57 -0.24
CA GLU A 240 -14.17 -13.00 -0.43
C GLU A 240 -14.18 -11.93 -1.53
N LEU A 241 -13.06 -11.24 -1.73
CA LEU A 241 -12.98 -10.25 -2.82
C LEU A 241 -12.77 -10.93 -4.14
N ILE A 242 -11.96 -11.99 -4.17
CA ILE A 242 -11.87 -12.85 -5.38
C ILE A 242 -13.24 -13.49 -5.65
N SER A 243 -14.00 -13.82 -4.60
CA SER A 243 -15.32 -14.46 -4.79
C SER A 243 -16.40 -13.50 -5.21
N ARG A 244 -16.08 -12.19 -5.24
CA ARG A 244 -17.04 -11.13 -5.65
C ARG A 244 -18.20 -10.95 -4.62
N LEU A 245 -17.87 -11.19 -3.35
CA LEU A 245 -18.79 -10.89 -2.25
C LEU A 245 -18.60 -9.42 -1.85
N PRO A 246 -19.66 -8.75 -1.31
CA PRO A 246 -19.38 -7.40 -0.84
C PRO A 246 -18.38 -7.56 0.33
N TYR A 247 -17.50 -6.60 0.58
CA TYR A 247 -16.42 -6.81 1.53
C TYR A 247 -16.11 -5.49 2.20
N GLY A 248 -15.47 -5.56 3.37
CA GLY A 248 -15.10 -4.33 4.08
C GLY A 248 -13.63 -4.23 4.39
N PRO A 249 -13.26 -3.53 5.47
CA PRO A 249 -11.83 -3.36 5.77
C PRO A 249 -11.06 -4.66 5.98
N GLU A 250 -11.76 -5.76 6.31
CA GLU A 250 -11.19 -7.11 6.50
C GLU A 250 -10.19 -7.53 5.40
N VAL A 251 -10.37 -6.96 4.21
CA VAL A 251 -9.52 -7.28 3.07
C VAL A 251 -8.09 -6.75 3.24
N ASP A 252 -7.90 -5.58 3.86
CA ASP A 252 -6.55 -5.13 4.20
C ASP A 252 -5.84 -6.11 5.16
N ILE A 253 -6.59 -6.71 6.09
CA ILE A 253 -6.00 -7.59 7.07
C ILE A 253 -5.48 -8.89 6.41
N TRP A 254 -6.26 -9.49 5.54
CA TRP A 254 -5.83 -10.65 4.78
C TRP A 254 -4.60 -10.27 3.99
N SER A 255 -4.66 -9.12 3.31
CA SER A 255 -3.58 -8.68 2.42
C SER A 255 -2.32 -8.48 3.20
N LEU A 256 -2.45 -7.93 4.38
CA LEU A 256 -1.34 -7.86 5.30
C LEU A 256 -0.74 -9.26 5.67
N GLY A 257 -1.55 -10.26 5.98
CA GLY A 257 -1.07 -11.62 6.14
C GLY A 257 -0.18 -12.08 5.00
N ILE A 258 -0.62 -11.86 3.77
CA ILE A 258 0.19 -12.23 2.61
C ILE A 258 1.52 -11.51 2.69
N MET A 259 1.50 -10.22 3.07
CA MET A 259 2.72 -9.46 3.24
C MET A 259 3.58 -9.99 4.38
N VAL A 260 2.94 -10.58 5.38
CA VAL A 260 3.74 -11.24 6.40
C VAL A 260 4.52 -12.37 5.79
N ILE A 261 3.87 -13.16 4.90
CA ILE A 261 4.51 -14.29 4.20
C ILE A 261 5.57 -13.80 3.23
N GLU A 262 5.33 -12.69 2.57
CA GLU A 262 6.39 -12.06 1.80
C GLU A 262 7.60 -11.82 2.66
N MET A 263 7.36 -11.28 3.86
CA MET A 263 8.45 -10.88 4.76
C MET A 263 9.18 -12.11 5.28
N VAL A 264 8.47 -13.21 5.45
CA VAL A 264 9.11 -14.44 5.85
C VAL A 264 9.72 -15.20 4.67
N ASP A 265 8.96 -15.49 3.61
CA ASP A 265 9.47 -16.35 2.50
C ASP A 265 10.09 -15.54 1.38
N GLY A 266 9.90 -14.21 1.34
CA GLY A 266 10.51 -13.36 0.31
C GLY A 266 9.54 -13.11 -0.83
N GLU A 267 8.46 -13.91 -0.83
CA GLU A 267 7.47 -14.02 -1.88
C GLU A 267 6.07 -14.29 -1.32
N PRO A 268 5.00 -13.78 -2.01
CA PRO A 268 3.63 -14.20 -1.62
C PRO A 268 3.42 -15.63 -2.13
N PRO A 269 2.41 -16.38 -1.62
CA PRO A 269 2.20 -17.72 -2.16
C PRO A 269 1.66 -17.80 -3.60
N TYR A 270 1.90 -18.96 -4.19
CA TYR A 270 1.54 -19.26 -5.55
C TYR A 270 2.10 -18.17 -6.49
N PHE A 271 3.26 -17.61 -6.12
CA PHE A 271 3.89 -16.60 -6.98
C PHE A 271 4.38 -17.19 -8.30
N ASN A 272 4.65 -18.49 -8.33
CA ASN A 272 5.11 -19.19 -9.53
CA ASN A 272 5.13 -19.15 -9.55
C ASN A 272 3.96 -19.64 -10.44
N GLU A 273 2.74 -19.17 -10.14
CA GLU A 273 1.55 -19.47 -10.94
C GLU A 273 1.15 -18.18 -11.59
N PRO A 274 0.55 -18.24 -12.79
CA PRO A 274 0.09 -16.96 -13.33
C PRO A 274 -1.07 -16.40 -12.48
N PRO A 275 -1.26 -15.06 -12.47
CA PRO A 275 -2.24 -14.37 -11.60
C PRO A 275 -3.61 -15.08 -11.43
N LEU A 276 -4.25 -15.41 -12.57
CA LEU A 276 -5.55 -16.11 -12.57
C LEU A 276 -5.60 -17.49 -11.90
N LYS A 277 -4.58 -18.33 -12.11
CA LYS A 277 -4.50 -19.57 -11.32
C LYS A 277 -4.34 -19.30 -9.83
N ALA A 278 -3.50 -18.32 -9.49
CA ALA A 278 -3.29 -17.94 -8.10
C ALA A 278 -4.60 -17.53 -7.40
N MET A 279 -5.40 -16.69 -8.09
CA MET A 279 -6.69 -16.26 -7.53
C MET A 279 -7.64 -17.43 -7.28
N LYS A 280 -7.71 -18.35 -8.23
CA LYS A 280 -8.57 -19.50 -8.06
C LYS A 280 -8.16 -20.25 -6.78
N MET A 281 -6.88 -20.47 -6.62
CA MET A 281 -6.40 -21.24 -5.50
C MET A 281 -6.56 -20.47 -4.21
N ILE A 282 -6.35 -19.17 -4.25
CA ILE A 282 -6.64 -18.30 -3.08
C ILE A 282 -8.11 -18.47 -2.66
N ARG A 283 -8.99 -18.39 -3.65
CA ARG A 283 -10.44 -18.49 -3.46
C ARG A 283 -10.92 -19.88 -3.06
N ASP A 284 -10.38 -20.91 -3.68
CA ASP A 284 -10.88 -22.30 -3.42
C ASP A 284 -10.21 -23.05 -2.28
N ASN A 285 -8.95 -22.76 -2.03
CA ASN A 285 -8.18 -23.56 -1.06
C ASN A 285 -8.17 -23.08 0.39
N LEU A 286 -7.76 -24.01 1.25
CA LEU A 286 -7.47 -23.68 2.61
C LEU A 286 -6.47 -22.52 2.60
N PRO A 287 -6.41 -21.73 3.70
CA PRO A 287 -5.51 -20.55 3.70
C PRO A 287 -4.09 -20.96 3.26
N PRO A 288 -3.39 -20.08 2.55
CA PRO A 288 -2.05 -20.44 2.10
C PRO A 288 -1.08 -20.59 3.29
N ARG A 289 -0.14 -21.53 3.17
CA ARG A 289 0.83 -21.81 4.22
C ARG A 289 2.20 -21.21 3.95
N LEU A 290 2.91 -20.90 5.03
CA LEU A 290 4.32 -20.56 4.93
C LEU A 290 5.10 -21.72 4.30
N LYS A 291 6.02 -21.39 3.41
CA LYS A 291 6.80 -22.41 2.77
C LYS A 291 7.78 -22.97 3.82
N ASN A 292 8.22 -22.10 4.73
CA ASN A 292 9.08 -22.48 5.84
C ASN A 292 8.47 -22.27 7.24
N LEU A 293 7.56 -23.13 7.69
CA LEU A 293 6.97 -22.92 9.02
C LEU A 293 7.97 -23.04 10.19
N HIS A 294 8.97 -23.92 10.07
CA HIS A 294 10.00 -24.05 11.12
C HIS A 294 10.78 -22.80 11.36
N LYS A 295 10.48 -21.75 10.59
CA LYS A 295 11.23 -20.51 10.64
C LYS A 295 10.44 -19.31 11.18
N VAL A 296 9.30 -19.59 11.80
CA VAL A 296 8.59 -18.54 12.49
C VAL A 296 8.35 -19.04 13.90
N SER A 297 8.54 -18.17 14.89
CA SER A 297 8.17 -18.48 16.28
C SER A 297 6.65 -18.68 16.39
N PRO A 298 6.21 -19.52 17.33
CA PRO A 298 4.73 -19.72 17.46
C PRO A 298 3.95 -18.43 17.79
N SER A 299 4.63 -17.43 18.33
CA SER A 299 4.03 -16.10 18.44
C SER A 299 3.73 -15.49 17.02
N LEU A 300 4.68 -15.61 16.09
CA LEU A 300 4.41 -15.24 14.68
C LEU A 300 3.37 -16.11 13.99
N LYS A 301 3.40 -17.44 14.19
CA LYS A 301 2.40 -18.36 13.63
C LYS A 301 0.96 -18.04 14.14
N GLY A 302 0.86 -17.72 15.43
CA GLY A 302 -0.45 -17.39 16.02
C GLY A 302 -0.97 -16.10 15.42
N PHE A 303 -0.13 -15.07 15.40
CA PHE A 303 -0.45 -13.77 14.76
C PHE A 303 -1.03 -14.02 13.35
N LEU A 304 -0.21 -14.60 12.47
CA LEU A 304 -0.64 -14.92 11.10
C LEU A 304 -1.99 -15.69 11.07
N ASP A 305 -2.26 -16.56 12.05
CA ASP A 305 -3.54 -17.29 12.04
C ASP A 305 -4.75 -16.42 12.27
N ARG A 306 -4.56 -15.27 12.89
CA ARG A 306 -5.63 -14.25 12.98
C ARG A 306 -5.83 -13.45 11.67
N LEU A 307 -4.84 -13.47 10.80
CA LEU A 307 -4.86 -12.66 9.59
C LEU A 307 -5.36 -13.49 8.45
N LEU A 308 -4.76 -14.64 8.20
CA LEU A 308 -5.20 -15.44 7.03
C LEU A 308 -6.43 -16.29 7.37
N VAL A 309 -7.53 -15.62 7.72
CA VAL A 309 -8.79 -16.30 8.01
C VAL A 309 -9.77 -16.14 6.84
N ARG A 310 -10.22 -17.27 6.31
CA ARG A 310 -11.14 -17.33 5.18
C ARG A 310 -12.43 -16.56 5.41
N ASP A 311 -13.14 -16.90 6.49
CA ASP A 311 -14.37 -16.19 6.89
C ASP A 311 -14.02 -14.76 7.36
N PRO A 312 -14.47 -13.72 6.63
CA PRO A 312 -14.10 -12.32 6.95
C PRO A 312 -14.64 -11.87 8.32
N ALA A 313 -15.75 -12.48 8.76
CA ALA A 313 -16.28 -12.18 10.09
C ALA A 313 -15.41 -12.73 11.28
N GLN A 314 -14.46 -13.62 11.00
CA GLN A 314 -13.58 -14.23 12.04
C GLN A 314 -12.12 -13.73 12.01
N ARG A 315 -11.70 -13.20 10.85
CA ARG A 315 -10.46 -12.43 10.75
C ARG A 315 -10.40 -11.38 11.87
N ALA A 316 -9.26 -11.23 12.55
CA ALA A 316 -9.13 -10.13 13.49
C ALA A 316 -9.21 -8.76 12.77
N ALA A 318 -7.91 -4.58 12.65
CA ALA A 318 -6.68 -3.87 12.92
C ALA A 318 -6.56 -3.57 14.40
N ALA A 319 -7.64 -3.05 14.97
CA ALA A 319 -7.69 -2.59 16.35
C ALA A 319 -7.44 -3.72 17.36
N GLU A 320 -8.02 -4.91 17.13
CA GLU A 320 -7.67 -6.12 17.94
C GLU A 320 -6.20 -6.53 17.79
N LEU A 321 -5.73 -6.51 16.54
CA LEU A 321 -4.36 -6.91 16.24
C LEU A 321 -3.31 -6.04 16.92
N LEU A 322 -3.60 -4.75 17.15
CA LEU A 322 -2.70 -3.92 17.96
C LEU A 322 -2.41 -4.49 19.34
N LYS A 323 -3.30 -5.34 19.85
CA LYS A 323 -3.08 -5.96 21.16
C LYS A 323 -2.46 -7.34 21.03
N HIS A 324 -1.98 -7.71 19.85
CA HIS A 324 -1.50 -9.07 19.78
C HIS A 324 -0.12 -9.19 20.37
N PRO A 325 0.12 -10.22 21.20
CA PRO A 325 1.46 -10.35 21.81
C PRO A 325 2.63 -10.32 20.83
N PHE A 326 2.45 -10.80 19.61
CA PHE A 326 3.54 -10.80 18.64
C PHE A 326 4.14 -9.42 18.41
N LEU A 327 3.32 -8.36 18.54
CA LEU A 327 3.83 -7.01 18.37
C LEU A 327 4.69 -6.56 19.53
N ALA A 328 4.62 -7.28 20.65
CA ALA A 328 5.49 -6.98 21.78
C ALA A 328 6.95 -7.03 21.34
N LYS A 329 7.22 -7.81 20.29
CA LYS A 329 8.61 -7.96 19.78
C LYS A 329 9.07 -6.82 18.88
N ALA A 330 8.17 -5.91 18.54
CA ALA A 330 8.52 -4.86 17.61
C ALA A 330 9.72 -4.01 18.07
N GLY A 331 10.77 -3.86 17.27
CA GLY A 331 11.88 -2.99 17.68
C GLY A 331 11.59 -1.57 17.20
N PRO A 332 12.47 -0.60 17.55
CA PRO A 332 12.34 0.77 17.12
C PRO A 332 12.59 0.85 15.62
N PRO A 333 12.28 1.99 14.99
CA PRO A 333 12.63 2.15 13.58
C PRO A 333 14.10 1.83 13.27
N ALA A 334 15.00 2.13 14.22
CA ALA A 334 16.43 1.97 13.98
C ALA A 334 16.77 0.53 13.61
N SER A 335 15.91 -0.40 14.03
CA SER A 335 16.16 -1.82 13.78
C SER A 335 15.96 -2.18 12.31
N ILE A 336 15.18 -1.36 11.59
CA ILE A 336 14.83 -1.58 10.17
C ILE A 336 15.95 -1.07 9.25
N VAL A 337 16.63 -0.03 9.70
CA VAL A 337 17.71 0.67 8.99
C VAL A 337 18.79 -0.19 8.31
N PRO A 338 19.26 -1.29 8.98
CA PRO A 338 20.31 -2.13 8.36
C PRO A 338 19.80 -2.93 7.15
N LEU A 339 18.48 -3.08 7.04
CA LEU A 339 17.88 -3.82 5.93
C LEU A 339 17.98 -3.10 4.57
N MET A 340 18.07 -1.76 4.58
CA MET A 340 18.02 -1.00 3.33
C MET A 340 19.26 -1.16 2.46
N ARG A 341 19.04 -1.14 1.15
CA ARG A 341 20.08 -1.29 0.13
C ARG A 341 21.39 -0.52 0.53
N GLN A 342 21.27 0.68 1.08
CA GLN A 342 22.46 1.49 1.35
C GLN A 342 23.25 1.06 2.58
N ASN A 343 22.72 0.09 3.33
CA ASN A 343 23.42 -0.39 4.52
C ASN A 343 23.75 -1.88 4.49
N ARG A 344 23.24 -2.64 3.53
CA ARG A 344 23.41 -4.11 3.56
C ARG A 344 24.86 -4.60 3.34
N ARG B 2 3.98 -11.70 -11.03
CA ARG B 2 3.73 -10.25 -11.37
C ARG B 2 3.17 -9.35 -10.23
N ARG B 3 3.82 -8.20 -10.06
CA ARG B 3 3.58 -7.32 -8.92
C ARG B 3 2.57 -6.21 -9.27
N ARG B 4 1.88 -6.36 -10.41
CA ARG B 4 0.99 -5.28 -10.93
C ARG B 4 -0.50 -5.40 -10.53
N SER B 5 -1.12 -4.26 -10.25
CA SER B 5 -2.49 -4.23 -9.70
C SER B 5 -3.63 -3.82 -10.63
N TRP B 6 -4.72 -4.58 -10.51
CA TRP B 6 -6.03 -4.31 -11.12
C TRP B 6 -6.74 -3.13 -10.52
N TYR B 7 -7.53 -2.45 -11.36
CA TYR B 7 -8.59 -1.52 -10.91
C TYR B 7 -9.81 -1.41 -11.83
#